data_8B8V
#
_entry.id   8B8V
#
_cell.length_a   39.571
_cell.length_b   73.617
_cell.length_c   154.361
_cell.angle_alpha   90.000
_cell.angle_beta   90.000
_cell.angle_gamma   90.000
#
_symmetry.space_group_name_H-M   'P 21 21 21'
#
loop_
_entity.id
_entity.type
_entity.pdbx_description
1 polymer Nucleoprotein
2 polymer Phosphoprotein
3 non-polymer DI(HYDROXYETHYL)ETHER
4 water water
#
loop_
_entity_poly.entity_id
_entity_poly.type
_entity_poly.pdbx_seq_one_letter_code
_entity_poly.pdbx_strand_id
1 'polypeptide(L)'
;DQYEYKYPAIKDLKKPCITLGKAPDLNKAYKSVLSGMNAAKLDPDDVCSYLAAAMQFFEGTCPEDWTSYGILIARKGDRI
TPNSLVEIKRTDVEGNWALTGGMELTRDPTVSEHASLVGLLLSLYRLSKISGQNTGNYKTNIADRIEQIFETAPFVKIVE
HHTLMTTHKMCANWSTIPNFRFLAGTYDMFFSRIEHLYSAIRVGTVVTAYEDCSGLVSFTGFIKQINLTAREAILYFFHK
NFEEEIRRMFEPGQETAVPHSYFIHFRSLGLSGKSPYSSNAVGHVFNLIHFVGCYMGQVRSLNATVIAACAPHEMSVLGG
YLGEEFFGKGTFERRFFRDEKELQEYEAAELTKSDVALADDGTVNSDDEDYFSGETRSPEAVYTRIMMNGGRLKRSHIRR
YVSVSSNHQARPNSFAEFLNKTYSNDS
;
A
2 'polypeptide(L)' MSKIFVNPSAIRAGLADLEMAEETVDLINRNIEDNQAHLQGEPIEVDNLPEDMGRLHLDGGKSPNPGELEHHHHHH B
#
loop_
_chem_comp.id
_chem_comp.type
_chem_comp.name
_chem_comp.formula
PEG non-polymer DI(HYDROXYETHYL)ETHER 'C4 H10 O3'
#
# COMPACT_ATOMS: atom_id res chain seq x y z
N GLU A 4 -0.43 -10.76 -12.42
CA GLU A 4 0.57 -10.80 -13.53
C GLU A 4 0.25 -9.94 -14.73
N TYR A 5 -1.03 -9.70 -15.01
CA TYR A 5 -1.43 -9.30 -16.36
C TYR A 5 -1.12 -7.85 -16.73
N LYS A 6 -1.49 -6.85 -15.93
CA LYS A 6 -1.49 -5.43 -16.44
C LYS A 6 -0.48 -4.48 -15.77
N TYR A 7 0.63 -4.19 -16.45
CA TYR A 7 1.57 -3.21 -15.97
C TYR A 7 0.95 -1.80 -15.97
N PRO A 8 1.20 -0.98 -14.92
CA PRO A 8 0.50 0.35 -14.81
C PRO A 8 0.95 1.53 -15.73
N ALA A 9 2.05 1.44 -16.47
CA ALA A 9 2.60 2.62 -17.17
C ALA A 9 1.56 3.23 -18.13
N ILE A 10 1.26 4.51 -17.95
CA ILE A 10 0.29 5.22 -18.80
C ILE A 10 0.97 5.35 -20.14
N LYS A 11 0.30 4.96 -21.20
CA LYS A 11 0.94 5.00 -22.53
C LYS A 11 0.56 6.20 -23.44
N ASP A 12 -0.42 7.00 -23.02
CA ASP A 12 -1.03 8.03 -23.87
C ASP A 12 -1.09 9.46 -23.28
N LEU A 13 -0.29 9.75 -22.28
CA LEU A 13 -0.29 11.07 -21.64
C LEU A 13 -1.61 11.45 -20.97
N LYS A 14 -2.57 10.55 -20.78
CA LYS A 14 -3.80 10.93 -20.07
C LYS A 14 -3.69 10.75 -18.52
N LYS A 15 -4.06 11.79 -17.78
CA LYS A 15 -4.08 11.75 -16.32
C LYS A 15 -5.07 10.73 -15.89
N PRO A 16 -4.79 10.06 -14.76
CA PRO A 16 -5.87 9.25 -14.15
C PRO A 16 -7.16 10.07 -13.96
N CYS A 17 -8.28 9.42 -14.25
CA CYS A 17 -9.57 10.08 -14.46
C CYS A 17 -10.68 9.37 -13.69
N ILE A 18 -11.62 10.10 -13.09
CA ILE A 18 -12.86 9.51 -12.64
C ILE A 18 -13.96 10.50 -13.00
N THR A 19 -15.19 10.05 -12.94
CA THR A 19 -16.38 10.89 -13.14
C THR A 19 -17.29 10.85 -11.93
N LEU A 20 -17.79 12.01 -11.57
CA LEU A 20 -18.58 12.27 -10.36
C LEU A 20 -19.76 13.16 -10.75
N GLY A 21 -20.66 13.46 -9.82
CA GLY A 21 -21.80 14.32 -10.10
C GLY A 21 -21.43 15.77 -10.23
N LYS A 22 -22.47 16.60 -10.29
CA LYS A 22 -22.29 18.02 -10.53
C LYS A 22 -21.69 18.71 -9.27
N ALA A 23 -20.79 19.66 -9.50
CA ALA A 23 -19.99 20.25 -8.40
C ALA A 23 -20.92 20.91 -7.43
N PRO A 24 -20.77 20.65 -6.15
CA PRO A 24 -21.72 21.26 -5.19
C PRO A 24 -21.26 22.62 -4.70
N ASP A 25 -22.21 23.40 -4.16
CA ASP A 25 -21.86 24.56 -3.32
C ASP A 25 -21.10 23.97 -2.09
N LEU A 26 -19.84 24.33 -1.85
CA LEU A 26 -19.06 23.66 -0.77
C LEU A 26 -19.55 23.79 0.70
N ASN A 27 -20.22 24.90 1.04
CA ASN A 27 -20.83 25.10 2.36
C ASN A 27 -21.97 24.16 2.61
N LYS A 28 -22.78 23.99 1.58
CA LYS A 28 -23.86 23.03 1.63
C LYS A 28 -23.43 21.59 1.66
N ALA A 29 -22.46 21.25 0.82
CA ALA A 29 -21.85 19.94 0.83
C ALA A 29 -21.28 19.63 2.18
N TYR A 30 -20.46 20.52 2.72
CA TYR A 30 -19.95 20.31 4.11
C TYR A 30 -21.07 19.96 5.10
N LYS A 31 -22.16 20.72 5.06
CA LYS A 31 -23.22 20.57 6.07
C LYS A 31 -23.92 19.22 5.91
N SER A 32 -24.23 18.90 4.66
CA SER A 32 -24.85 17.59 4.38
C SER A 32 -23.96 16.47 4.84
N VAL A 33 -22.67 16.51 4.49
CA VAL A 33 -21.75 15.39 4.77
C VAL A 33 -21.45 15.27 6.29
N LEU A 34 -21.25 16.40 6.97
CA LEU A 34 -21.07 16.38 8.44
C LEU A 34 -22.30 15.81 9.10
N SER A 35 -23.48 16.25 8.66
CA SER A 35 -24.72 15.67 9.16
C SER A 35 -24.74 14.11 9.04
N GLY A 36 -24.35 13.57 7.89
CA GLY A 36 -24.25 12.12 7.70
C GLY A 36 -23.22 11.43 8.55
N MET A 37 -22.05 12.04 8.66
CA MET A 37 -21.02 11.58 9.58
C MET A 37 -21.63 11.42 10.98
N ASN A 38 -22.38 12.42 11.44
CA ASN A 38 -23.01 12.34 12.77
C ASN A 38 -24.10 11.32 12.89
N ALA A 39 -24.89 11.09 11.84
CA ALA A 39 -25.92 10.05 11.92
C ALA A 39 -25.43 8.68 11.47
N ALA A 40 -24.15 8.49 11.13
CA ALA A 40 -23.69 7.21 10.50
C ALA A 40 -24.48 6.81 9.23
N LYS A 41 -24.84 7.79 8.45
CA LYS A 41 -25.65 7.56 7.31
C LYS A 41 -25.02 8.39 6.21
N LEU A 42 -23.93 7.91 5.67
CA LEU A 42 -23.24 8.60 4.59
C LEU A 42 -23.56 8.04 3.21
N ASP A 43 -23.66 8.94 2.24
CA ASP A 43 -23.86 8.59 0.86
C ASP A 43 -22.50 8.60 0.14
N PRO A 44 -22.05 7.47 -0.40
CA PRO A 44 -20.69 7.41 -0.94
C PRO A 44 -20.45 8.30 -2.17
N ASP A 45 -21.45 8.46 -3.03
CA ASP A 45 -21.33 9.39 -4.15
C ASP A 45 -21.25 10.85 -3.70
N ASP A 46 -21.98 11.22 -2.66
CA ASP A 46 -21.91 12.59 -2.14
C ASP A 46 -20.52 12.84 -1.52
N VAL A 47 -20.01 11.86 -0.80
CA VAL A 47 -18.71 11.99 -0.12
C VAL A 47 -17.64 12.23 -1.16
N CYS A 48 -17.64 11.41 -2.21
CA CYS A 48 -16.66 11.58 -3.27
C CYS A 48 -16.76 12.92 -3.96
N SER A 49 -17.98 13.37 -4.31
CA SER A 49 -18.16 14.70 -4.89
C SER A 49 -17.62 15.83 -4.01
N TYR A 50 -17.98 15.78 -2.74
CA TYR A 50 -17.40 16.69 -1.75
C TYR A 50 -15.86 16.61 -1.64
N LEU A 51 -15.30 15.41 -1.50
CA LEU A 51 -13.83 15.24 -1.43
C LEU A 51 -13.06 15.83 -2.60
N ALA A 52 -13.61 15.65 -3.81
CA ALA A 52 -13.04 16.20 -4.98
C ALA A 52 -13.15 17.69 -5.00
N ALA A 53 -14.32 18.24 -4.67
CA ALA A 53 -14.48 19.72 -4.66
C ALA A 53 -13.61 20.41 -3.57
N ALA A 54 -13.40 19.73 -2.45
CA ALA A 54 -12.58 20.30 -1.37
C ALA A 54 -11.10 20.35 -1.68
N MET A 55 -10.65 19.80 -2.82
CA MET A 55 -9.27 19.83 -3.23
C MET A 55 -8.68 21.24 -3.38
N GLN A 56 -9.50 22.14 -3.88
CA GLN A 56 -9.18 23.53 -4.02
C GLN A 56 -8.70 24.21 -2.73
N PHE A 57 -8.97 23.65 -1.55
CA PHE A 57 -8.52 24.26 -0.29
C PHE A 57 -7.13 23.84 0.10
N PHE A 58 -6.58 22.87 -0.59
CA PHE A 58 -5.27 22.36 -0.20
C PHE A 58 -4.22 22.82 -1.22
N GLU A 59 -3.93 24.11 -1.28
CA GLU A 59 -2.96 24.59 -2.26
C GLU A 59 -1.53 24.60 -1.66
N GLY A 60 -0.55 24.18 -2.44
CA GLY A 60 0.84 24.34 -2.05
C GLY A 60 1.79 24.52 -3.22
N THR A 61 3.05 24.80 -2.89
CA THR A 61 4.07 25.07 -3.91
C THR A 61 4.83 23.79 -4.19
N CYS A 62 4.91 23.41 -5.46
CA CYS A 62 5.73 22.27 -5.89
C CYS A 62 7.24 22.56 -5.78
N PRO A 63 7.96 21.81 -4.92
CA PRO A 63 9.35 22.15 -4.68
C PRO A 63 10.32 21.76 -5.82
N GLU A 64 9.90 20.87 -6.70
CA GLU A 64 10.74 20.41 -7.82
C GLU A 64 9.81 20.00 -8.94
N ASP A 65 10.32 19.96 -10.16
CA ASP A 65 9.55 19.53 -11.32
C ASP A 65 8.93 18.16 -11.06
N TRP A 66 7.73 17.91 -11.61
CA TRP A 66 7.01 16.71 -11.31
C TRP A 66 6.35 16.15 -12.53
N THR A 67 6.93 15.05 -13.01
CA THR A 67 6.52 14.36 -14.24
C THR A 67 6.48 12.87 -13.98
N SER A 68 5.55 12.16 -14.57
CA SER A 68 5.46 10.74 -14.36
C SER A 68 4.69 10.17 -15.50
N TYR A 69 5.28 9.19 -16.20
CA TYR A 69 4.70 8.54 -17.38
C TYR A 69 4.46 9.54 -18.52
N GLY A 70 5.38 10.51 -18.62
CA GLY A 70 5.30 11.56 -19.66
C GLY A 70 4.39 12.72 -19.26
N ILE A 71 3.52 12.55 -18.23
CA ILE A 71 2.54 13.57 -17.83
C ILE A 71 3.23 14.59 -16.90
N LEU A 72 3.14 15.85 -17.26
CA LEU A 72 3.62 16.90 -16.39
C LEU A 72 2.55 17.19 -15.35
N ILE A 73 2.92 17.21 -14.09
CA ILE A 73 1.94 17.55 -13.04
C ILE A 73 2.12 19.01 -12.58
N ALA A 74 3.36 19.37 -12.34
CA ALA A 74 3.77 20.71 -11.95
C ALA A 74 5.26 20.88 -12.23
N ARG A 75 5.64 22.14 -12.44
CA ARG A 75 7.00 22.56 -12.51
C ARG A 75 7.34 23.14 -11.14
N LYS A 76 8.63 23.11 -10.82
CA LYS A 76 9.18 23.78 -9.67
C LYS A 76 8.58 25.18 -9.52
N GLY A 77 8.02 25.43 -8.35
CA GLY A 77 7.40 26.69 -8.05
C GLY A 77 5.92 26.82 -8.38
N ASP A 78 5.31 25.90 -9.15
CA ASP A 78 3.86 26.01 -9.45
C ASP A 78 3.04 25.86 -8.14
N ARG A 79 1.96 26.60 -8.03
CA ARG A 79 1.02 26.43 -6.95
C ARG A 79 0.12 25.35 -7.44
N ILE A 80 -0.03 24.27 -6.68
CA ILE A 80 -0.94 23.23 -7.08
C ILE A 80 -1.76 22.71 -5.92
N THR A 81 -2.82 22.02 -6.30
CA THR A 81 -3.66 21.29 -5.40
C THR A 81 -3.72 19.86 -5.88
N PRO A 82 -4.38 18.97 -5.12
CA PRO A 82 -4.42 17.57 -5.53
C PRO A 82 -5.11 17.39 -6.83
N ASN A 83 -5.98 18.33 -7.18
CA ASN A 83 -6.68 18.31 -8.44
C ASN A 83 -5.69 18.32 -9.66
N SER A 84 -4.46 18.80 -9.49
CA SER A 84 -3.48 18.83 -10.55
C SER A 84 -2.98 17.45 -10.96
N LEU A 85 -3.19 16.45 -10.11
CA LEU A 85 -2.64 15.16 -10.34
C LEU A 85 -3.54 14.29 -11.20
N VAL A 86 -4.81 14.66 -11.30
CA VAL A 86 -5.80 13.79 -11.89
C VAL A 86 -6.80 14.63 -12.65
N GLU A 87 -7.60 13.99 -13.47
CA GLU A 87 -8.78 14.61 -14.05
C GLU A 87 -10.05 14.10 -13.36
N ILE A 88 -10.77 15.02 -12.76
CA ILE A 88 -12.14 14.79 -12.28
C ILE A 88 -13.11 15.31 -13.32
N LYS A 89 -13.85 14.42 -13.96
CA LYS A 89 -14.95 14.83 -14.80
C LYS A 89 -16.19 14.90 -13.95
N ARG A 90 -17.12 15.74 -14.34
CA ARG A 90 -18.37 15.83 -13.62
C ARG A 90 -19.60 15.89 -14.54
N THR A 91 -20.64 15.17 -14.18
CA THR A 91 -21.90 15.18 -14.93
C THR A 91 -22.77 16.36 -14.56
N ASP A 92 -23.90 16.47 -15.26
CA ASP A 92 -24.99 17.43 -15.01
C ASP A 92 -25.86 17.12 -13.74
N VAL A 93 -25.74 15.91 -13.20
CA VAL A 93 -26.62 15.38 -12.15
C VAL A 93 -26.19 15.82 -10.73
N GLU A 94 -27.03 16.62 -10.07
CA GLU A 94 -26.81 17.13 -8.71
C GLU A 94 -26.76 15.95 -7.78
N GLY A 95 -25.95 16.01 -6.73
CA GLY A 95 -25.97 15.00 -5.67
C GLY A 95 -27.21 15.21 -4.85
N ASN A 96 -27.44 14.30 -3.91
CA ASN A 96 -28.56 14.35 -2.98
C ASN A 96 -28.46 15.39 -1.89
N TRP A 97 -27.36 15.39 -1.14
CA TRP A 97 -27.08 16.40 -0.11
C TRP A 97 -28.17 16.49 0.97
N ALA A 98 -28.56 15.36 1.56
CA ALA A 98 -29.57 15.36 2.60
C ALA A 98 -28.99 15.83 3.90
N LEU A 99 -29.81 16.47 4.69
CA LEU A 99 -29.48 16.75 6.07
C LEU A 99 -30.14 15.63 6.86
N THR A 100 -29.36 14.95 7.70
CA THR A 100 -29.88 13.76 8.42
C THR A 100 -29.58 13.89 9.91
N GLY A 101 -28.31 13.75 10.28
CA GLY A 101 -27.88 13.86 11.68
C GLY A 101 -27.89 15.28 12.19
N GLY A 102 -27.11 15.51 13.24
CA GLY A 102 -27.02 16.82 13.91
C GLY A 102 -26.32 17.87 13.06
N MET A 103 -26.92 19.05 13.00
CA MET A 103 -26.32 20.22 12.31
C MET A 103 -26.57 21.45 13.16
N GLU A 104 -25.66 21.66 14.10
CA GLU A 104 -25.68 22.83 14.95
C GLU A 104 -25.29 24.09 14.18
N LEU A 105 -24.47 23.93 13.14
CA LEU A 105 -23.88 25.05 12.40
C LEU A 105 -24.83 25.71 11.42
N THR A 106 -25.17 26.96 11.73
CA THR A 106 -25.92 27.81 10.83
C THR A 106 -24.93 28.44 9.88
N ARG A 107 -23.85 29.01 10.40
CA ARG A 107 -22.93 29.80 9.57
C ARG A 107 -22.18 28.89 8.60
N ASP A 108 -21.36 29.49 7.78
CA ASP A 108 -20.59 28.72 6.83
C ASP A 108 -19.33 28.13 7.48
N PRO A 109 -18.89 26.94 7.04
CA PRO A 109 -17.64 26.36 7.58
C PRO A 109 -16.42 27.16 7.17
N THR A 110 -15.37 27.13 7.99
CA THR A 110 -14.04 27.62 7.66
C THR A 110 -13.27 26.55 6.86
N VAL A 111 -12.22 26.99 6.18
CA VAL A 111 -11.23 26.09 5.59
C VAL A 111 -10.65 25.04 6.59
N SER A 112 -10.38 25.50 7.81
CA SER A 112 -9.94 24.63 8.91
C SER A 112 -10.94 23.47 9.25
N GLU A 113 -12.23 23.81 9.21
CA GLU A 113 -13.29 22.85 9.38
C GLU A 113 -13.45 21.86 8.21
N HIS A 114 -13.45 22.34 6.96
CA HIS A 114 -13.33 21.50 5.76
C HIS A 114 -12.21 20.50 5.84
N ALA A 115 -10.99 20.99 6.10
CA ALA A 115 -9.87 20.07 6.22
C ALA A 115 -10.05 18.99 7.26
N SER A 116 -10.69 19.31 8.37
CA SER A 116 -10.95 18.30 9.40
C SER A 116 -11.91 17.24 8.91
N LEU A 117 -12.96 17.66 8.18
CA LEU A 117 -13.96 16.76 7.66
C LEU A 117 -13.37 15.94 6.55
N VAL A 118 -12.60 16.57 5.67
CA VAL A 118 -11.88 15.82 4.63
C VAL A 118 -11.03 14.76 5.31
N GLY A 119 -10.27 15.17 6.32
CA GLY A 119 -9.41 14.23 7.08
C GLY A 119 -10.17 13.07 7.68
N LEU A 120 -11.27 13.36 8.36
CA LEU A 120 -12.07 12.28 8.93
C LEU A 120 -12.73 11.35 7.90
N LEU A 121 -13.17 11.90 6.78
CA LEU A 121 -13.76 11.07 5.76
C LEU A 121 -12.76 10.14 5.15
N LEU A 122 -11.60 10.65 4.81
CA LEU A 122 -10.56 9.79 4.23
C LEU A 122 -10.12 8.72 5.19
N SER A 123 -10.24 8.95 6.48
CA SER A 123 -9.76 7.96 7.46
C SER A 123 -10.65 6.72 7.47
N LEU A 124 -11.86 6.82 6.89
CA LEU A 124 -12.69 5.66 6.67
C LEU A 124 -12.06 4.71 5.64
N TYR A 125 -11.10 5.17 4.86
CA TYR A 125 -10.40 4.28 3.93
C TYR A 125 -9.53 3.33 4.70
N ARG A 126 -8.67 3.90 5.55
CA ARG A 126 -7.78 3.09 6.40
C ARG A 126 -8.55 2.12 7.30
N LEU A 127 -9.59 2.63 8.00
CA LEU A 127 -10.42 1.78 8.88
C LEU A 127 -11.10 0.63 8.14
N SER A 128 -11.62 0.91 6.94
CA SER A 128 -12.14 -0.13 6.09
C SER A 128 -11.08 -1.11 5.61
N LYS A 129 -9.85 -0.66 5.42
CA LYS A 129 -8.83 -1.57 4.91
C LYS A 129 -8.41 -2.64 5.90
N ILE A 130 -8.50 -2.35 7.18
CA ILE A 130 -8.29 -3.36 8.21
C ILE A 130 -9.51 -4.27 8.25
N SER A 131 -9.29 -5.57 8.13
CA SER A 131 -10.39 -6.55 8.01
C SER A 131 -11.15 -6.74 9.32
N ASN A 137 -12.17 -3.23 17.67
CA ASN A 137 -11.00 -3.90 18.24
C ASN A 137 -9.79 -2.93 18.28
N TYR A 138 -8.72 -3.32 17.59
CA TYR A 138 -7.62 -2.43 17.27
C TYR A 138 -8.02 -1.21 16.38
N LYS A 139 -9.20 -1.27 15.76
CA LYS A 139 -9.80 -0.15 15.02
C LYS A 139 -10.03 1.02 15.93
N THR A 140 -10.51 0.78 17.16
CA THR A 140 -10.76 1.85 18.18
C THR A 140 -9.47 2.52 18.66
N ASN A 141 -8.39 1.77 18.76
CA ASN A 141 -7.09 2.41 18.99
C ASN A 141 -6.78 3.42 17.85
N ILE A 142 -6.92 2.94 16.61
CA ILE A 142 -6.66 3.75 15.41
C ILE A 142 -7.61 4.94 15.35
N ALA A 143 -8.90 4.68 15.55
CA ALA A 143 -9.93 5.68 15.42
C ALA A 143 -9.79 6.79 16.42
N ASP A 144 -9.44 6.46 17.66
CA ASP A 144 -9.26 7.46 18.74
C ASP A 144 -8.07 8.38 18.47
N ARG A 145 -6.96 7.82 18.03
CA ARG A 145 -5.85 8.62 17.57
C ARG A 145 -6.19 9.56 16.37
N ILE A 146 -6.97 9.06 15.42
CA ILE A 146 -7.37 9.86 14.27
C ILE A 146 -8.24 11.05 14.70
N GLU A 147 -9.28 10.76 15.47
CA GLU A 147 -10.14 11.80 16.07
C GLU A 147 -9.35 12.91 16.77
N GLN A 148 -8.40 12.53 17.60
CA GLN A 148 -7.45 13.45 18.21
C GLN A 148 -6.61 14.29 17.24
N ILE A 149 -6.02 13.68 16.21
CA ILE A 149 -5.34 14.47 15.19
C ILE A 149 -6.26 15.54 14.59
N PHE A 150 -7.50 15.17 14.29
CA PHE A 150 -8.37 16.14 13.67
C PHE A 150 -9.11 17.09 14.60
N GLU A 151 -8.72 17.16 15.88
CA GLU A 151 -9.20 18.16 16.85
C GLU A 151 -8.07 19.09 17.26
N THR A 152 -6.93 18.93 16.61
CA THR A 152 -5.70 19.51 17.10
C THR A 152 -5.35 20.47 15.99
N ALA A 153 -5.15 21.74 16.36
CA ALA A 153 -4.79 22.81 15.42
C ALA A 153 -3.60 22.30 14.58
N PRO A 154 -3.62 22.46 13.25
CA PRO A 154 -4.50 23.31 12.46
C PRO A 154 -5.96 22.83 12.14
N PHE A 155 -6.30 21.62 12.58
CA PHE A 155 -7.64 21.08 12.44
C PHE A 155 -8.52 21.63 13.58
N VAL A 156 -9.83 21.44 13.44
CA VAL A 156 -10.83 21.98 14.38
C VAL A 156 -11.72 20.82 14.75
N LYS A 157 -12.11 20.76 16.01
CA LYS A 157 -13.13 19.81 16.43
C LYS A 157 -14.50 20.10 15.79
N ILE A 158 -15.00 19.15 15.03
CA ILE A 158 -16.35 19.28 14.44
C ILE A 158 -17.26 18.10 14.78
N VAL A 159 -16.72 17.04 15.38
CA VAL A 159 -17.51 15.87 15.78
C VAL A 159 -17.09 15.46 17.19
N GLU A 160 -18.01 14.76 17.84
CA GLU A 160 -17.82 14.16 19.17
C GLU A 160 -17.08 12.85 19.17
N HIS A 161 -16.28 12.64 20.21
CA HIS A 161 -15.50 11.42 20.34
C HIS A 161 -16.38 10.20 20.09
N HIS A 162 -15.85 9.20 19.39
CA HIS A 162 -16.60 7.95 19.09
C HIS A 162 -17.55 8.00 17.90
N THR A 163 -17.75 9.18 17.33
CA THR A 163 -18.47 9.33 16.05
C THR A 163 -17.82 8.53 14.89
N LEU A 164 -16.50 8.65 14.75
CA LEU A 164 -15.80 8.04 13.63
C LEU A 164 -15.97 6.53 13.55
N MET A 165 -15.84 5.86 14.68
CA MET A 165 -16.00 4.39 14.78
C MET A 165 -17.42 3.93 14.47
N THR A 166 -18.39 4.67 14.98
CA THR A 166 -19.82 4.44 14.70
C THR A 166 -20.14 4.50 13.22
N THR A 167 -19.63 5.54 12.59
CA THR A 167 -19.80 5.70 11.16
C THR A 167 -19.02 4.62 10.34
N HIS A 168 -17.80 4.35 10.74
CA HIS A 168 -17.02 3.26 10.14
C HIS A 168 -17.75 1.94 10.11
N LYS A 169 -18.29 1.56 11.25
CA LYS A 169 -19.15 0.36 11.38
C LYS A 169 -20.20 0.28 10.25
N MET A 170 -20.78 1.42 9.86
CA MET A 170 -21.65 1.49 8.67
C MET A 170 -20.99 1.57 7.28
N CYS A 171 -19.68 1.80 7.26
CA CYS A 171 -18.94 2.08 6.03
C CYS A 171 -17.77 1.08 5.92
N ALA A 172 -17.95 -0.12 6.44
CA ALA A 172 -16.79 -1.00 6.62
C ALA A 172 -16.12 -1.43 5.32
N ASN A 173 -16.82 -1.31 4.18
CA ASN A 173 -16.35 -1.83 2.89
C ASN A 173 -15.97 -0.72 1.94
N TRP A 174 -15.92 0.51 2.44
CA TRP A 174 -15.64 1.66 1.55
C TRP A 174 -14.27 1.62 0.87
N SER A 175 -13.32 0.85 1.41
CA SER A 175 -12.00 0.77 0.77
C SER A 175 -11.98 0.12 -0.62
N THR A 176 -13.05 -0.54 -1.04
CA THR A 176 -13.15 -1.07 -2.41
C THR A 176 -14.15 -0.29 -3.31
N ILE A 177 -14.71 0.82 -2.82
CA ILE A 177 -15.49 1.73 -3.68
C ILE A 177 -14.48 2.47 -4.55
N PRO A 178 -14.50 2.22 -5.88
CA PRO A 178 -13.35 2.70 -6.66
C PRO A 178 -13.13 4.22 -6.68
N ASN A 179 -14.18 4.99 -6.66
CA ASN A 179 -14.01 6.46 -6.64
C ASN A 179 -13.42 6.99 -5.32
N PHE A 180 -13.82 6.38 -4.21
CA PHE A 180 -13.33 6.75 -2.92
C PHE A 180 -11.85 6.34 -2.77
N ARG A 181 -11.53 5.12 -3.20
CA ARG A 181 -10.17 4.66 -3.23
C ARG A 181 -9.27 5.58 -4.11
N PHE A 182 -9.83 6.02 -5.24
CA PHE A 182 -9.14 6.93 -6.14
C PHE A 182 -8.79 8.23 -5.39
N LEU A 183 -9.77 8.80 -4.69
CA LEU A 183 -9.59 10.08 -4.01
C LEU A 183 -8.59 9.96 -2.83
N ALA A 184 -8.60 8.84 -2.13
CA ALA A 184 -7.62 8.55 -1.09
C ALA A 184 -6.22 8.51 -1.67
N GLY A 185 -6.05 7.78 -2.79
CA GLY A 185 -4.75 7.71 -3.45
C GLY A 185 -4.25 9.04 -3.96
N THR A 186 -5.18 9.91 -4.45
CA THR A 186 -4.79 11.21 -5.01
C THR A 186 -4.33 12.10 -3.88
N TYR A 187 -5.11 12.13 -2.79
CA TYR A 187 -4.70 12.94 -1.60
C TYR A 187 -3.40 12.39 -1.03
N ASP A 188 -3.18 11.09 -1.01
CA ASP A 188 -1.91 10.57 -0.46
C ASP A 188 -0.69 10.97 -1.30
N MET A 189 -0.83 10.89 -2.62
CA MET A 189 0.21 11.25 -3.57
C MET A 189 0.57 12.76 -3.49
N PHE A 190 -0.46 13.60 -3.42
CA PHE A 190 -0.30 15.02 -3.17
C PHE A 190 0.53 15.26 -1.92
N PHE A 191 0.05 14.83 -0.76
CA PHE A 191 0.74 15.11 0.49
C PHE A 191 2.06 14.35 0.61
N SER A 192 2.33 13.29 -0.14
CA SER A 192 3.68 12.70 -0.14
C SER A 192 4.70 13.67 -0.76
N ARG A 193 4.30 14.37 -1.82
CA ARG A 193 5.14 15.34 -2.51
C ARG A 193 5.20 16.73 -1.86
N ILE A 194 4.07 17.22 -1.35
CA ILE A 194 3.97 18.59 -0.88
C ILE A 194 3.79 18.56 0.63
N GLU A 195 4.85 18.90 1.36
CA GLU A 195 4.78 19.13 2.81
C GLU A 195 3.66 20.20 2.94
N HIS A 196 2.64 19.98 3.74
CA HIS A 196 1.50 20.90 3.75
C HIS A 196 1.00 21.05 5.15
N LEU A 197 0.35 22.17 5.46
CA LEU A 197 -0.24 22.38 6.80
C LEU A 197 -1.10 21.19 7.34
N TYR A 198 -1.94 20.69 6.42
CA TYR A 198 -2.83 19.55 6.59
C TYR A 198 -2.32 18.12 6.24
N SER A 199 -1.02 17.97 6.07
CA SER A 199 -0.35 16.68 5.73
C SER A 199 -0.67 15.48 6.58
N ALA A 200 -1.11 15.74 7.81
CA ALA A 200 -1.50 14.71 8.76
C ALA A 200 -2.75 13.90 8.34
N ILE A 201 -3.49 14.44 7.35
CA ILE A 201 -4.48 13.65 6.55
C ILE A 201 -3.98 12.30 6.07
N ARG A 202 -2.70 12.16 5.76
CA ARG A 202 -2.09 10.87 5.41
C ARG A 202 -2.27 9.76 6.44
N VAL A 203 -2.58 10.11 7.70
CA VAL A 203 -2.98 9.10 8.67
C VAL A 203 -4.04 8.14 8.09
N GLY A 204 -4.97 8.66 7.26
CA GLY A 204 -6.00 7.85 6.65
C GLY A 204 -5.66 7.24 5.30
N THR A 205 -4.79 7.87 4.54
CA THR A 205 -4.55 7.51 3.15
C THR A 205 -3.21 6.78 2.89
N VAL A 206 -2.31 6.80 3.88
CA VAL A 206 -0.98 6.25 3.71
C VAL A 206 -0.98 4.81 3.21
N VAL A 207 -1.97 4.04 3.64
CA VAL A 207 -2.15 2.64 3.22
C VAL A 207 -2.37 2.45 1.70
N THR A 208 -2.72 3.52 0.94
CA THR A 208 -2.77 3.40 -0.51
C THR A 208 -1.38 3.24 -1.11
N ALA A 209 -0.34 3.65 -0.39
CA ALA A 209 1.01 3.56 -0.98
C ALA A 209 1.46 2.10 -1.17
N TYR A 210 1.78 1.74 -2.42
CA TYR A 210 2.18 0.39 -2.76
C TYR A 210 1.12 -0.72 -2.56
N GLU A 211 -0.17 -0.40 -2.57
CA GLU A 211 -1.22 -1.41 -2.53
C GLU A 211 -1.07 -2.37 -3.70
N ASP A 212 -1.30 -3.65 -3.45
CA ASP A 212 -1.08 -4.76 -4.42
C ASP A 212 0.33 -5.00 -4.90
N CYS A 213 1.30 -4.51 -4.16
CA CYS A 213 2.69 -4.73 -4.46
C CYS A 213 3.41 -5.47 -3.35
N SER A 214 2.75 -6.42 -2.67
CA SER A 214 3.34 -7.15 -1.54
C SER A 214 4.55 -7.91 -1.91
N GLY A 215 4.52 -8.56 -3.08
CA GLY A 215 5.67 -9.32 -3.62
C GLY A 215 6.91 -8.46 -3.88
N LEU A 216 6.71 -7.31 -4.50
CA LEU A 216 7.79 -6.37 -4.70
C LEU A 216 8.30 -5.78 -3.37
N VAL A 217 7.38 -5.41 -2.48
CA VAL A 217 7.80 -4.86 -1.18
C VAL A 217 8.53 -5.90 -0.28
N SER A 218 8.02 -7.12 -0.19
CA SER A 218 8.78 -8.21 0.46
C SER A 218 10.18 -8.39 -0.08
N PHE A 219 10.30 -8.43 -1.39
CA PHE A 219 11.59 -8.52 -2.06
C PHE A 219 12.57 -7.41 -1.70
N THR A 220 12.13 -6.16 -1.79
CA THR A 220 13.00 -5.06 -1.43
C THR A 220 13.32 -5.08 0.07
N GLY A 221 12.32 -5.32 0.91
CA GLY A 221 12.54 -5.44 2.36
C GLY A 221 13.52 -6.57 2.71
N PHE A 222 13.41 -7.69 2.01
CA PHE A 222 14.35 -8.79 2.19
C PHE A 222 15.81 -8.43 1.85
N ILE A 223 16.02 -7.72 0.74
CA ILE A 223 17.36 -7.24 0.37
C ILE A 223 18.02 -6.38 1.48
N LYS A 224 17.26 -5.43 2.01
CA LYS A 224 17.69 -4.60 3.15
C LYS A 224 18.06 -5.41 4.38
N GLN A 225 17.29 -6.45 4.65
CA GLN A 225 17.42 -7.19 5.88
C GLN A 225 18.65 -8.09 5.89
N ILE A 226 18.97 -8.69 4.76
CA ILE A 226 20.14 -9.52 4.61
C ILE A 226 21.35 -8.67 4.34
N ASN A 227 21.12 -7.36 4.18
CA ASN A 227 22.17 -6.39 4.08
C ASN A 227 23.13 -6.72 2.90
N LEU A 228 22.54 -6.88 1.71
CA LEU A 228 23.32 -7.07 0.51
C LEU A 228 22.83 -6.14 -0.58
N THR A 229 23.66 -5.98 -1.59
CA THR A 229 23.24 -5.29 -2.81
C THR A 229 22.19 -6.15 -3.51
N ALA A 230 21.44 -5.52 -4.39
CA ALA A 230 20.42 -6.19 -5.16
C ALA A 230 20.97 -7.20 -6.14
N ARG A 231 22.09 -6.87 -6.80
CA ARG A 231 22.84 -7.82 -7.65
C ARG A 231 23.30 -9.09 -6.92
N GLU A 232 23.95 -8.91 -5.78
CA GLU A 232 24.40 -10.02 -4.92
C GLU A 232 23.22 -10.90 -4.39
N ALA A 233 22.18 -10.24 -3.88
CA ALA A 233 20.99 -10.93 -3.39
C ALA A 233 20.26 -11.78 -4.46
N ILE A 234 20.20 -11.32 -5.71
CA ILE A 234 19.53 -12.07 -6.78
C ILE A 234 20.20 -13.42 -6.99
N LEU A 235 21.50 -13.51 -6.69
CA LEU A 235 22.26 -14.74 -6.89
C LEU A 235 21.77 -15.90 -6.03
N TYR A 236 21.21 -15.55 -4.87
CA TYR A 236 20.64 -16.54 -3.97
C TYR A 236 19.29 -17.09 -4.42
N PHE A 237 18.66 -16.47 -5.42
CA PHE A 237 17.36 -16.94 -5.89
C PHE A 237 17.61 -17.87 -7.08
N PHE A 238 18.13 -19.05 -6.81
CA PHE A 238 18.67 -19.85 -7.91
C PHE A 238 17.81 -21.00 -8.39
N HIS A 239 16.65 -21.14 -7.80
CA HIS A 239 15.64 -22.04 -8.32
C HIS A 239 15.06 -21.48 -9.65
N LYS A 240 14.75 -22.35 -10.60
CA LYS A 240 14.40 -21.93 -11.98
C LYS A 240 13.10 -21.11 -12.16
N ASN A 241 12.10 -21.36 -11.32
CA ASN A 241 10.89 -20.50 -11.27
C ASN A 241 11.07 -19.04 -10.88
N PHE A 242 12.20 -18.69 -10.24
CA PHE A 242 12.43 -17.31 -9.81
C PHE A 242 12.73 -16.38 -10.95
N GLU A 243 13.19 -16.95 -12.07
CA GLU A 243 13.68 -16.17 -13.20
C GLU A 243 12.56 -15.29 -13.81
N GLU A 244 11.44 -15.89 -14.17
CA GLU A 244 10.37 -15.09 -14.72
C GLU A 244 9.77 -14.12 -13.67
N GLU A 245 9.83 -14.45 -12.40
CA GLU A 245 9.28 -13.57 -11.37
C GLU A 245 10.09 -12.33 -11.19
N ILE A 246 11.41 -12.51 -11.13
CA ILE A 246 12.33 -11.39 -11.03
C ILE A 246 12.26 -10.51 -12.31
N ARG A 247 12.16 -11.12 -13.49
CA ARG A 247 11.98 -10.35 -14.71
C ARG A 247 10.72 -9.52 -14.60
N ARG A 248 9.67 -10.13 -14.09
CA ARG A 248 8.37 -9.48 -14.05
C ARG A 248 8.42 -8.20 -13.23
N MET A 249 9.13 -8.26 -12.13
CA MET A 249 9.22 -7.12 -11.23
C MET A 249 10.06 -5.98 -11.79
N PHE A 250 11.05 -6.28 -12.62
CA PHE A 250 11.90 -5.25 -13.23
C PHE A 250 11.67 -5.01 -14.72
N GLU A 251 10.42 -5.18 -15.15
CA GLU A 251 9.95 -4.70 -16.41
C GLU A 251 10.33 -3.21 -16.56
N PRO A 252 10.93 -2.82 -17.71
CA PRO A 252 11.31 -1.41 -17.83
C PRO A 252 10.11 -0.51 -18.09
N GLY A 253 10.34 0.77 -17.84
CA GLY A 253 9.36 1.81 -18.11
C GLY A 253 8.29 2.00 -17.04
N GLN A 254 8.40 1.31 -15.93
CA GLN A 254 7.34 1.33 -14.91
C GLN A 254 7.53 2.31 -13.77
N GLU A 255 8.73 2.85 -13.64
CA GLU A 255 9.05 3.96 -12.76
C GLU A 255 9.06 3.54 -11.29
N THR A 256 9.46 2.31 -11.05
CA THR A 256 9.62 1.79 -9.68
C THR A 256 10.72 2.52 -8.89
N ALA A 257 11.60 3.20 -9.62
CA ALA A 257 12.74 3.93 -9.04
C ALA A 257 12.56 5.44 -9.06
N VAL A 258 11.44 5.91 -9.60
CA VAL A 258 11.21 7.35 -9.76
C VAL A 258 10.50 7.91 -8.53
N PRO A 259 11.16 8.83 -7.81
CA PRO A 259 10.43 9.47 -6.69
C PRO A 259 9.05 10.09 -7.09
N HIS A 260 8.02 9.89 -6.26
CA HIS A 260 6.69 10.49 -6.45
C HIS A 260 5.94 10.17 -7.76
N SER A 261 6.34 9.08 -8.42
CA SER A 261 5.68 8.57 -9.65
C SER A 261 4.26 8.09 -9.35
N TYR A 262 3.38 8.14 -10.36
CA TYR A 262 2.08 7.53 -10.24
C TYR A 262 2.22 6.01 -9.87
N PHE A 263 3.39 5.42 -10.13
CA PHE A 263 3.62 4.04 -9.83
C PHE A 263 3.22 3.72 -8.38
N ILE A 264 3.58 4.62 -7.47
CA ILE A 264 3.44 4.41 -6.05
C ILE A 264 1.98 4.27 -5.61
N HIS A 265 1.06 4.84 -6.39
CA HIS A 265 -0.34 4.76 -6.10
C HIS A 265 -1.09 4.18 -7.29
N PHE A 266 -0.48 3.27 -8.04
CA PHE A 266 -1.09 2.85 -9.29
C PHE A 266 -2.40 2.12 -9.10
N ARG A 267 -2.45 1.26 -8.08
CA ARG A 267 -3.65 0.48 -7.88
C ARG A 267 -4.82 1.37 -7.47
N SER A 268 -4.62 2.27 -6.55
CA SER A 268 -5.74 3.06 -6.02
C SER A 268 -6.28 4.06 -7.11
N LEU A 269 -5.40 4.49 -7.98
CA LEU A 269 -5.77 5.39 -9.04
C LEU A 269 -6.24 4.63 -10.28
N GLY A 270 -6.26 3.30 -10.23
CA GLY A 270 -6.90 2.51 -11.25
C GLY A 270 -6.07 2.34 -12.50
N LEU A 271 -4.76 2.51 -12.41
CA LEU A 271 -3.84 2.31 -13.55
C LEU A 271 -3.78 0.82 -13.98
N SER A 272 -4.02 -0.08 -13.04
CA SER A 272 -4.16 -1.50 -13.30
C SER A 272 -5.00 -2.15 -12.25
N GLY A 273 -5.85 -3.07 -12.66
CA GLY A 273 -6.58 -3.92 -11.76
C GLY A 273 -5.90 -5.25 -11.47
N LYS A 274 -4.76 -5.54 -12.11
CA LYS A 274 -4.15 -6.86 -12.07
C LYS A 274 -2.63 -6.69 -11.92
N SER A 275 -2.22 -6.54 -10.68
CA SER A 275 -0.86 -6.18 -10.36
C SER A 275 0.10 -7.32 -10.64
N PRO A 276 1.20 -7.03 -11.37
CA PRO A 276 2.29 -8.00 -11.51
C PRO A 276 3.28 -8.05 -10.33
N TYR A 277 3.06 -7.24 -9.31
CA TYR A 277 3.95 -7.15 -8.19
C TYR A 277 3.32 -7.70 -6.92
N SER A 278 2.12 -8.28 -7.00
CA SER A 278 1.45 -8.75 -5.79
C SER A 278 2.12 -10.04 -5.28
N SER A 279 1.67 -10.50 -4.11
CA SER A 279 2.17 -11.71 -3.55
C SER A 279 1.88 -12.91 -4.47
N ASN A 280 0.67 -12.99 -5.02
CA ASN A 280 0.33 -14.04 -5.97
C ASN A 280 1.18 -14.00 -7.22
N ALA A 281 1.43 -12.81 -7.75
CA ALA A 281 2.08 -12.69 -9.03
C ALA A 281 3.57 -13.11 -8.96
N VAL A 282 4.20 -12.94 -7.81
CA VAL A 282 5.56 -13.41 -7.65
C VAL A 282 5.58 -14.38 -6.49
N GLY A 283 4.71 -15.39 -6.60
CA GLY A 283 4.46 -16.30 -5.49
C GLY A 283 5.64 -17.11 -5.00
N HIS A 284 6.50 -17.56 -5.92
CA HIS A 284 7.65 -18.33 -5.53
C HIS A 284 8.56 -17.52 -4.72
N VAL A 285 8.87 -16.32 -5.20
CA VAL A 285 9.68 -15.38 -4.51
C VAL A 285 9.12 -15.00 -3.14
N PHE A 286 7.83 -14.72 -3.09
CA PHE A 286 7.17 -14.36 -1.82
C PHE A 286 7.28 -15.50 -0.78
N ASN A 287 7.02 -16.71 -1.26
CA ASN A 287 7.02 -17.92 -0.43
C ASN A 287 8.40 -18.14 0.18
N LEU A 288 9.44 -18.02 -0.65
CA LEU A 288 10.79 -18.18 -0.19
C LEU A 288 11.16 -17.16 0.85
N ILE A 289 10.87 -15.90 0.56
CA ILE A 289 11.21 -14.81 1.49
C ILE A 289 10.61 -15.09 2.90
N HIS A 290 9.34 -15.46 2.93
CA HIS A 290 8.66 -15.68 4.17
C HIS A 290 8.95 -16.97 4.87
N PHE A 291 9.40 -17.98 4.13
CA PHE A 291 9.96 -19.16 4.78
C PHE A 291 11.31 -18.81 5.43
N VAL A 292 12.06 -17.90 4.83
CA VAL A 292 13.25 -17.42 5.48
C VAL A 292 12.92 -16.62 6.74
N GLY A 293 11.87 -15.81 6.72
CA GLY A 293 11.43 -15.07 7.88
C GLY A 293 11.00 -16.02 8.99
N CYS A 294 10.28 -17.08 8.62
CA CYS A 294 9.88 -18.14 9.56
C CYS A 294 11.06 -18.79 10.25
N TYR A 295 12.07 -19.16 9.48
CA TYR A 295 13.31 -19.77 10.00
C TYR A 295 13.99 -18.84 11.01
N MET A 296 13.95 -17.54 10.79
CA MET A 296 14.50 -16.51 11.71
C MET A 296 13.60 -16.14 12.89
N GLY A 297 12.38 -16.64 12.94
CA GLY A 297 11.47 -16.30 14.01
C GLY A 297 10.68 -15.03 13.81
N GLN A 298 10.41 -14.60 12.57
CA GLN A 298 9.75 -13.30 12.42
C GLN A 298 8.27 -13.50 12.30
N VAL A 299 7.54 -12.79 13.14
CA VAL A 299 6.12 -12.96 13.31
C VAL A 299 5.35 -12.50 12.09
N ARG A 300 5.85 -11.47 11.43
CA ARG A 300 5.26 -11.01 10.17
C ARG A 300 5.24 -12.12 9.14
N SER A 301 6.34 -12.86 9.00
CA SER A 301 6.39 -13.95 8.06
C SER A 301 5.54 -15.15 8.52
N LEU A 302 5.57 -15.51 9.81
CA LEU A 302 4.78 -16.68 10.26
C LEU A 302 3.23 -16.53 10.11
N ASN A 303 2.73 -15.30 10.22
CA ASN A 303 1.34 -14.92 9.99
C ASN A 303 0.94 -14.47 8.55
N ALA A 304 1.90 -14.34 7.65
CA ALA A 304 1.59 -14.17 6.20
C ALA A 304 0.92 -15.39 5.63
N THR A 305 0.28 -15.22 4.50
CA THR A 305 -0.48 -16.28 3.81
C THR A 305 0.38 -16.88 2.71
N VAL A 306 0.44 -18.21 2.71
CA VAL A 306 1.21 -18.95 1.73
C VAL A 306 0.53 -18.85 0.38
N ILE A 307 1.34 -18.72 -0.67
CA ILE A 307 0.85 -18.84 -2.04
C ILE A 307 0.84 -20.32 -2.51
N ALA A 308 -0.33 -20.93 -2.38
CA ALA A 308 -0.52 -22.38 -2.48
C ALA A 308 0.02 -22.96 -3.78
N ALA A 309 -0.19 -22.21 -4.87
CA ALA A 309 0.21 -22.62 -6.22
C ALA A 309 1.74 -22.59 -6.45
N CYS A 310 2.49 -21.85 -5.67
CA CYS A 310 3.89 -21.64 -6.03
C CYS A 310 4.91 -22.47 -5.23
N ALA A 311 4.78 -23.80 -5.37
CA ALA A 311 5.68 -24.82 -4.80
C ALA A 311 6.15 -24.54 -3.38
N PRO A 312 5.20 -24.32 -2.47
CA PRO A 312 5.65 -23.95 -1.16
C PRO A 312 6.55 -25.01 -0.49
N HIS A 313 6.36 -26.28 -0.80
CA HIS A 313 7.21 -27.34 -0.24
C HIS A 313 8.66 -27.12 -0.65
N GLU A 314 8.87 -26.88 -1.95
CA GLU A 314 10.24 -26.59 -2.43
C GLU A 314 10.82 -25.26 -1.93
N MET A 315 9.96 -24.23 -1.85
CA MET A 315 10.41 -22.95 -1.33
C MET A 315 10.83 -23.09 0.14
N SER A 316 10.18 -23.99 0.89
CA SER A 316 10.52 -24.19 2.30
C SER A 316 11.89 -24.83 2.48
N VAL A 317 12.30 -25.64 1.49
CA VAL A 317 13.59 -26.29 1.53
C VAL A 317 14.66 -25.27 1.30
N LEU A 318 14.52 -24.55 0.18
CA LEU A 318 15.45 -23.49 -0.12
C LEU A 318 15.53 -22.49 1.05
N GLY A 319 14.38 -22.22 1.68
CA GLY A 319 14.33 -21.26 2.78
C GLY A 319 15.11 -21.71 4.00
N GLY A 320 15.14 -23.01 4.26
CA GLY A 320 15.97 -23.54 5.30
C GLY A 320 17.47 -23.30 5.04
N TYR A 321 17.91 -23.57 3.85
CA TYR A 321 19.33 -23.34 3.53
C TYR A 321 19.67 -21.86 3.56
N LEU A 322 18.82 -21.04 2.96
CA LEU A 322 19.06 -19.61 2.98
C LEU A 322 18.98 -19.11 4.39
N GLY A 323 17.99 -19.57 5.14
CA GLY A 323 17.89 -19.27 6.57
C GLY A 323 19.14 -19.70 7.39
N GLU A 324 19.67 -20.90 7.12
CA GLU A 324 20.99 -21.33 7.64
C GLU A 324 22.17 -20.36 7.37
N GLU A 325 22.47 -19.96 6.13
CA GLU A 325 23.26 -18.71 5.91
C GLU A 325 22.43 -17.66 6.55
N PHE A 326 22.91 -16.45 6.76
CA PHE A 326 22.06 -15.45 7.45
C PHE A 326 21.56 -16.00 8.83
N SER A 378 28.43 -16.72 0.82
CA SER A 378 28.47 -17.05 -0.61
C SER A 378 27.17 -17.73 -1.12
N PRO A 379 26.62 -17.31 -2.31
CA PRO A 379 25.51 -18.11 -2.92
C PRO A 379 25.92 -19.46 -3.54
N GLU A 380 27.16 -19.59 -3.94
CA GLU A 380 27.73 -20.85 -4.42
C GLU A 380 27.79 -21.87 -3.28
N ALA A 381 28.18 -21.43 -2.09
CA ALA A 381 28.23 -22.32 -0.92
C ALA A 381 26.87 -22.89 -0.59
N VAL A 382 25.79 -22.12 -0.77
CA VAL A 382 24.43 -22.59 -0.45
C VAL A 382 23.92 -23.60 -1.47
N TYR A 383 24.19 -23.29 -2.73
CA TYR A 383 23.83 -24.16 -3.81
C TYR A 383 24.52 -25.54 -3.63
N THR A 384 25.76 -25.50 -3.14
CA THR A 384 26.56 -26.69 -2.96
C THR A 384 25.91 -27.59 -1.95
N ARG A 385 25.55 -27.04 -0.80
CA ARG A 385 24.93 -27.82 0.25
C ARG A 385 23.63 -28.43 -0.17
N ILE A 386 22.82 -27.69 -0.94
CA ILE A 386 21.53 -28.19 -1.34
C ILE A 386 21.68 -29.38 -2.30
N MET A 387 22.54 -29.26 -3.32
CA MET A 387 22.81 -30.40 -4.26
C MET A 387 23.37 -31.60 -3.51
N MET A 388 24.37 -31.36 -2.66
CA MET A 388 24.99 -32.41 -1.85
C MET A 388 24.00 -33.18 -1.00
N ASN A 389 22.94 -32.52 -0.54
CA ASN A 389 21.89 -33.14 0.23
C ASN A 389 20.70 -33.54 -0.59
N GLY A 390 20.89 -33.61 -1.90
CA GLY A 390 19.86 -34.11 -2.76
C GLY A 390 18.61 -33.26 -2.80
N GLY A 391 18.73 -31.96 -2.55
CA GLY A 391 17.57 -31.09 -2.46
C GLY A 391 16.67 -31.36 -1.27
N ARG A 392 17.17 -31.99 -0.20
CA ARG A 392 16.34 -32.27 0.99
C ARG A 392 16.82 -31.43 2.15
N LEU A 393 15.90 -31.06 3.04
CA LEU A 393 16.25 -30.42 4.29
C LEU A 393 17.00 -31.39 5.19
N LYS A 394 17.95 -30.86 5.95
CA LYS A 394 18.57 -31.60 7.02
C LYS A 394 17.66 -31.65 8.25
N ARG A 395 17.95 -32.60 9.14
CA ARG A 395 17.20 -32.73 10.37
C ARG A 395 17.35 -31.47 11.22
N SER A 396 18.49 -30.80 11.13
CA SER A 396 18.74 -29.52 11.82
C SER A 396 17.83 -28.38 11.35
N HIS A 397 17.58 -28.29 10.05
CA HIS A 397 16.62 -27.33 9.50
C HIS A 397 15.19 -27.55 10.01
N ILE A 398 14.81 -28.81 9.98
CA ILE A 398 13.48 -29.25 10.35
C ILE A 398 13.24 -28.96 11.83
N ARG A 399 14.19 -29.37 12.67
CA ARG A 399 14.14 -29.05 14.13
C ARG A 399 13.89 -27.55 14.39
N ARG A 400 14.57 -26.71 13.62
CA ARG A 400 14.47 -25.30 13.78
C ARG A 400 13.11 -24.78 13.30
N TYR A 401 12.68 -25.17 12.11
CA TYR A 401 11.37 -24.70 11.59
C TYR A 401 10.24 -25.06 12.58
N VAL A 402 10.23 -26.32 13.04
CA VAL A 402 9.27 -26.85 14.02
C VAL A 402 9.34 -26.17 15.40
N SER A 403 10.53 -25.87 15.87
CA SER A 403 10.73 -25.08 17.08
C SER A 403 10.04 -23.71 17.05
N VAL A 404 10.05 -23.09 15.89
CA VAL A 404 9.42 -21.79 15.75
C VAL A 404 7.91 -21.94 15.52
N SER A 405 7.52 -22.78 14.56
CA SER A 405 6.13 -22.84 14.15
C SER A 405 5.29 -23.42 15.27
N SER A 406 5.83 -24.42 15.95
CA SER A 406 5.05 -25.12 16.95
C SER A 406 4.84 -24.27 18.22
N ASN A 407 5.63 -23.21 18.39
CA ASN A 407 5.45 -22.28 19.47
C ASN A 407 4.69 -21.04 19.10
N HIS A 408 4.08 -21.03 17.93
CA HIS A 408 3.42 -19.85 17.41
C HIS A 408 1.89 -20.08 17.30
N GLN A 409 1.13 -19.00 17.46
CA GLN A 409 -0.32 -18.99 17.32
C GLN A 409 -0.67 -18.98 15.81
N ALA A 410 -0.59 -20.17 15.20
CA ALA A 410 -0.71 -20.36 13.76
C ALA A 410 -2.11 -20.06 13.21
N ARG A 411 -2.17 -19.09 12.30
CA ARG A 411 -3.40 -18.70 11.60
C ARG A 411 -3.71 -19.58 10.41
N PRO A 412 -5.00 -19.68 10.05
CA PRO A 412 -5.31 -20.48 8.86
C PRO A 412 -4.71 -19.92 7.55
N ASN A 413 -4.22 -20.85 6.73
CA ASN A 413 -3.44 -20.61 5.51
C ASN A 413 -2.11 -19.87 5.64
N SER A 414 -1.57 -19.80 6.87
CA SER A 414 -0.35 -19.04 7.17
C SER A 414 0.85 -19.91 6.96
N PHE A 415 2.01 -19.28 6.85
CA PHE A 415 3.26 -20.00 6.76
C PHE A 415 3.44 -20.89 8.01
N ALA A 416 3.04 -20.42 9.21
CA ALA A 416 3.25 -21.20 10.44
C ALA A 416 2.43 -22.50 10.43
N GLU A 417 1.21 -22.40 9.93
CA GLU A 417 0.32 -23.56 9.74
C GLU A 417 0.86 -24.56 8.75
N PHE A 418 1.31 -24.07 7.58
CA PHE A 418 2.01 -24.90 6.59
C PHE A 418 3.16 -25.69 7.25
N LEU A 419 4.04 -25.00 7.97
CA LEU A 419 5.18 -25.64 8.59
C LEU A 419 4.76 -26.74 9.58
N ASN A 420 3.74 -26.43 10.39
CA ASN A 420 3.21 -27.41 11.36
C ASN A 420 2.59 -28.58 10.65
N LYS A 421 1.76 -28.33 9.64
CA LYS A 421 1.22 -29.45 8.87
C LYS A 421 2.29 -30.25 8.14
N THR A 422 3.33 -29.60 7.65
CA THR A 422 4.26 -30.30 6.75
C THR A 422 5.30 -31.06 7.57
N TYR A 423 5.95 -30.40 8.52
CA TYR A 423 7.13 -30.96 9.18
C TYR A 423 6.88 -31.51 10.57
N SER A 424 5.76 -31.18 11.21
CA SER A 424 5.56 -31.63 12.59
C SER A 424 4.96 -33.05 12.63
N ILE B 4 16.32 -27.95 -12.14
CA ILE B 4 15.49 -27.30 -11.04
C ILE B 4 16.20 -26.19 -10.28
N PHE B 5 17.39 -26.51 -9.74
CA PHE B 5 18.27 -25.60 -9.05
C PHE B 5 19.43 -25.30 -10.00
N VAL B 6 19.58 -24.03 -10.38
CA VAL B 6 20.62 -23.59 -11.31
C VAL B 6 21.79 -23.00 -10.55
N ASN B 7 23.00 -23.23 -11.04
CA ASN B 7 24.25 -22.82 -10.36
C ASN B 7 24.44 -21.29 -10.34
N PRO B 8 24.62 -20.67 -9.14
CA PRO B 8 24.82 -19.21 -9.05
C PRO B 8 26.13 -18.59 -9.63
N SER B 9 27.14 -19.40 -9.94
CA SER B 9 28.28 -18.91 -10.74
C SER B 9 27.83 -18.75 -12.20
N ALA B 10 26.97 -19.65 -12.68
CA ALA B 10 26.27 -19.41 -13.97
C ALA B 10 25.36 -18.18 -13.99
N ILE B 11 24.86 -17.75 -12.83
CA ILE B 11 23.94 -16.60 -12.80
C ILE B 11 24.66 -15.28 -12.92
N ARG B 12 25.93 -15.23 -12.55
CA ARG B 12 26.78 -14.04 -12.76
C ARG B 12 26.65 -13.35 -14.14
N ALA B 13 26.23 -14.02 -15.22
CA ALA B 13 26.00 -13.33 -16.52
C ALA B 13 24.50 -12.91 -16.83
N GLY B 14 24.06 -11.77 -16.25
CA GLY B 14 22.68 -11.22 -16.42
C GLY B 14 22.71 -9.71 -16.25
N LEU B 15 21.74 -9.00 -16.83
CA LEU B 15 21.76 -7.52 -16.84
C LEU B 15 21.77 -6.93 -15.43
N MET B 20 17.65 -1.11 -13.26
CA MET B 20 17.70 -0.09 -12.24
C MET B 20 17.18 -0.60 -10.86
N ALA B 21 17.49 -1.86 -10.57
CA ALA B 21 16.98 -2.57 -9.39
C ALA B 21 17.50 -1.98 -8.09
N GLU B 22 18.74 -1.59 -8.12
CA GLU B 22 19.41 -1.06 -6.95
C GLU B 22 18.66 0.13 -6.34
N GLU B 23 18.14 1.00 -7.20
CA GLU B 23 17.52 2.26 -6.75
C GLU B 23 16.02 2.14 -6.54
N THR B 24 15.39 1.15 -7.18
CA THR B 24 14.06 0.69 -6.82
C THR B 24 14.08 0.19 -5.40
N VAL B 25 15.01 -0.69 -5.08
CA VAL B 25 15.15 -1.21 -3.72
C VAL B 25 15.30 -0.03 -2.76
N ASP B 26 16.25 0.83 -3.05
CA ASP B 26 16.51 1.94 -2.17
C ASP B 26 15.31 2.95 -2.05
N LEU B 27 14.60 3.22 -3.13
CA LEU B 27 13.42 4.12 -3.08
C LEU B 27 12.24 3.54 -2.31
N ILE B 28 11.87 2.33 -2.67
CA ILE B 28 10.78 1.65 -2.00
C ILE B 28 10.99 1.52 -0.49
N ASN B 29 12.17 1.06 -0.07
CA ASN B 29 12.48 0.91 1.38
C ASN B 29 12.47 2.25 2.17
N ARG B 30 12.99 3.28 1.55
CA ARG B 30 12.93 4.59 2.14
C ARG B 30 11.51 5.16 2.21
N ASN B 31 10.70 4.96 1.17
CA ASN B 31 9.32 5.46 1.21
C ASN B 31 8.55 4.73 2.28
N ILE B 32 8.76 3.43 2.39
CA ILE B 32 8.08 2.67 3.44
C ILE B 32 8.49 3.11 4.86
N GLU B 33 9.77 3.43 5.03
CA GLU B 33 10.30 3.93 6.29
C GLU B 33 9.64 5.27 6.66
N ASP B 34 9.45 6.17 5.72
CA ASP B 34 8.69 7.41 5.95
C ASP B 34 7.23 7.28 6.17
N ASN B 35 6.63 6.34 5.47
CA ASN B 35 5.22 6.07 5.65
C ASN B 35 4.90 5.66 7.06
N GLN B 36 5.86 5.04 7.75
CA GLN B 36 5.73 4.66 9.18
C GLN B 36 5.30 5.77 10.09
N ALA B 37 5.78 6.97 9.86
CA ALA B 37 5.32 8.12 10.65
C ALA B 37 3.77 8.21 10.62
N HIS B 38 3.15 7.98 9.49
CA HIS B 38 1.69 8.09 9.43
C HIS B 38 0.84 6.96 10.01
N LEU B 39 1.43 5.81 10.22
CA LEU B 39 0.71 4.63 10.66
C LEU B 39 0.56 4.60 12.18
C1 PEG C . 10.30 -8.64 4.32
O1 PEG C . 10.29 -7.30 4.83
C2 PEG C . 11.45 -9.38 5.00
O2 PEG C . 11.19 -10.78 5.12
C3 PEG C . 11.84 -11.43 6.23
C4 PEG C . 13.05 -12.28 5.87
O4 PEG C . 14.24 -12.18 6.71
#